data_9GY1
#
_entry.id   9GY1
#
_cell.length_a   52.690
_cell.length_b   52.690
_cell.length_c   77.490
_cell.angle_alpha   90.000
_cell.angle_beta   90.000
_cell.angle_gamma   120.000
#
_symmetry.space_group_name_H-M   'P 61'
#
loop_
_entity.id
_entity.type
_entity.pdbx_description
1 polymer 'Peptidase, M23 family'
2 non-polymer 'ZINC ION'
3 water water
#
_entity_poly.entity_id   1
_entity_poly.type   'polypeptide(L)'
_entity_poly.pdbx_seq_one_letter_code
;GSSHHHHHHENLYFQSNAGQKVVLPAEGRFTSGYGPRWGRMHNGIDIANGIGTPIYSVMDGTVINAGPAQGFGKWVRVRH
DDGTITVYGHVHSFNVSVGQRVTAGEQIAEMGNEGQSTGPHLHFEVRPGGGDAIDPVPWLKERG
;
_entity_poly.pdbx_strand_id   A
#
# COMPACT_ATOMS: atom_id res chain seq x y z
N LEU A 12 20.76 14.30 7.99
CA LEU A 12 21.61 14.14 6.80
C LEU A 12 22.52 12.93 6.94
N TYR A 13 22.51 12.07 5.93
CA TYR A 13 23.27 10.83 5.95
C TYR A 13 24.13 10.74 4.71
N PHE A 14 25.33 10.19 4.88
CA PHE A 14 26.20 9.83 3.79
C PHE A 14 26.03 8.34 3.51
N GLN A 15 25.69 8.01 2.27
CA GLN A 15 25.44 6.63 1.86
C GLN A 15 25.84 6.48 0.40
N SER A 16 26.49 5.35 0.07
CA SER A 16 26.85 5.08 -1.33
C SER A 16 25.70 4.46 -2.11
N ASN A 17 25.25 3.28 -1.71
CA ASN A 17 24.10 2.64 -2.34
C ASN A 17 22.85 3.02 -1.58
N ALA A 18 21.81 3.44 -2.31
CA ALA A 18 20.62 4.04 -1.70
C ALA A 18 19.62 3.04 -1.14
N GLY A 19 19.86 1.73 -1.29
CA GLY A 19 18.90 0.70 -0.89
C GLY A 19 18.30 0.88 0.50
N GLN A 20 17.00 0.67 0.60
CA GLN A 20 16.26 0.77 1.84
C GLN A 20 15.38 -0.46 1.95
N LYS A 21 15.18 -0.97 3.17
CA LYS A 21 14.42 -2.19 3.33
C LYS A 21 12.95 -2.04 2.93
N VAL A 22 12.46 -3.02 2.18
CA VAL A 22 11.07 -3.06 1.73
C VAL A 22 10.52 -4.45 2.03
N VAL A 23 9.30 -4.48 2.55
CA VAL A 23 8.58 -5.70 2.88
C VAL A 23 7.18 -5.64 2.26
N LEU A 24 6.51 -6.80 2.27
CA LEU A 24 5.18 -6.87 1.67
C LEU A 24 4.14 -6.05 2.45
N PRO A 25 3.15 -5.47 1.75
CA PRO A 25 2.10 -4.69 2.44
C PRO A 25 1.02 -5.56 3.07
N ALA A 26 0.90 -6.81 2.66
CA ALA A 26 -0.10 -7.74 3.16
C ALA A 26 0.24 -9.09 2.56
N GLU A 27 -0.28 -10.13 3.21
CA GLU A 27 -0.16 -11.50 2.72
C GLU A 27 -1.52 -11.97 2.22
N GLY A 28 -1.49 -12.74 1.14
CA GLY A 28 -2.71 -13.31 0.59
C GLY A 28 -2.52 -13.64 -0.87
N ARG A 29 -3.65 -13.89 -1.54
CA ARG A 29 -3.63 -14.29 -2.94
C ARG A 29 -3.52 -13.07 -3.85
N PHE A 30 -2.64 -13.14 -4.84
CA PHE A 30 -2.49 -12.05 -5.79
C PHE A 30 -3.62 -12.17 -6.80
N THR A 31 -4.65 -11.34 -6.69
CA THR A 31 -5.83 -11.54 -7.50
C THR A 31 -5.96 -10.58 -8.66
N SER A 32 -5.25 -9.46 -8.65
CA SER A 32 -5.40 -8.50 -9.74
C SER A 32 -4.14 -7.67 -9.88
N GLY A 33 -3.52 -7.71 -11.04
CA GLY A 33 -2.30 -6.99 -11.27
C GLY A 33 -2.51 -5.61 -11.85
N TYR A 34 -1.38 -4.93 -12.08
CA TYR A 34 -1.37 -3.59 -12.62
C TYR A 34 -1.58 -3.66 -14.11
N GLY A 35 -2.54 -2.89 -14.63
CA GLY A 35 -2.84 -2.93 -16.06
C GLY A 35 -4.35 -3.02 -16.28
N PRO A 36 -4.75 -3.13 -17.54
CA PRO A 36 -6.19 -3.13 -17.85
C PRO A 36 -6.87 -4.40 -17.35
N ARG A 37 -8.13 -4.21 -16.92
CA ARG A 37 -9.02 -5.32 -16.57
C ARG A 37 -10.44 -4.84 -16.83
N TRP A 38 -11.25 -5.72 -17.40
CA TRP A 38 -12.63 -5.41 -17.75
C TRP A 38 -12.76 -4.04 -18.42
N GLY A 39 -11.78 -3.68 -19.26
CA GLY A 39 -11.88 -2.47 -20.04
C GLY A 39 -11.42 -1.20 -19.35
N ARG A 40 -10.83 -1.30 -18.15
CA ARG A 40 -10.44 -0.12 -17.38
C ARG A 40 -9.10 -0.37 -16.69
N MET A 41 -8.23 0.63 -16.70
CA MET A 41 -6.94 0.51 -16.02
C MET A 41 -7.07 0.25 -14.52
N HIS A 42 -6.30 -0.72 -14.03
CA HIS A 42 -6.10 -0.94 -12.60
C HIS A 42 -4.72 -0.39 -12.22
N ASN A 43 -4.69 0.62 -11.34
CA ASN A 43 -3.47 1.35 -11.05
C ASN A 43 -2.69 0.83 -9.86
N GLY A 44 -2.93 -0.41 -9.46
CA GLY A 44 -2.17 -1.01 -8.38
C GLY A 44 -2.35 -2.50 -8.43
N ILE A 45 -2.14 -3.16 -7.28
CA ILE A 45 -2.37 -4.61 -7.16
C ILE A 45 -3.35 -4.88 -6.05
N ASP A 46 -4.06 -6.00 -6.19
CA ASP A 46 -4.96 -6.47 -5.15
C ASP A 46 -4.44 -7.76 -4.55
N ILE A 47 -4.43 -7.81 -3.21
CA ILE A 47 -4.00 -8.97 -2.43
C ILE A 47 -5.18 -9.37 -1.54
N ALA A 48 -5.69 -10.59 -1.74
CA ALA A 48 -6.94 -11.02 -1.13
C ALA A 48 -6.69 -11.91 0.08
N ASN A 49 -7.46 -11.67 1.13
CA ASN A 49 -7.39 -12.43 2.39
C ASN A 49 -8.62 -12.01 3.19
N GLY A 50 -8.80 -12.57 4.39
CA GLY A 50 -10.00 -12.27 5.15
C GLY A 50 -10.00 -10.86 5.70
N ILE A 51 -11.21 -10.34 5.94
CA ILE A 51 -11.35 -9.08 6.63
C ILE A 51 -10.60 -9.15 7.95
N GLY A 52 -9.82 -8.13 8.25
CA GLY A 52 -9.02 -8.11 9.46
C GLY A 52 -7.56 -8.44 9.23
N THR A 53 -7.20 -8.96 8.05
CA THR A 53 -5.82 -9.33 7.81
C THR A 53 -4.92 -8.11 7.99
N PRO A 54 -3.81 -8.21 8.73
CA PRO A 54 -2.97 -7.02 8.92
C PRO A 54 -2.42 -6.46 7.63
N ILE A 55 -2.37 -5.12 7.61
CA ILE A 55 -1.75 -4.35 6.52
C ILE A 55 -0.54 -3.65 7.11
N TYR A 56 0.57 -3.67 6.37
CA TYR A 56 1.86 -3.18 6.86
C TYR A 56 2.40 -2.03 6.00
N SER A 57 3.07 -1.06 6.64
CA SER A 57 3.85 -0.13 5.83
C SER A 57 4.99 -0.89 5.16
N VAL A 58 5.19 -0.70 3.86
CA VAL A 58 6.20 -1.49 3.17
C VAL A 58 7.62 -1.02 3.46
N MET A 59 7.77 0.20 3.94
CA MET A 59 9.06 0.85 4.14
C MET A 59 8.87 1.85 5.27
N ASP A 60 9.96 2.21 5.95
CA ASP A 60 9.89 3.29 6.91
C ASP A 60 9.26 4.51 6.25
N GLY A 61 8.47 5.27 7.00
CA GLY A 61 7.91 6.49 6.42
C GLY A 61 7.00 7.19 7.39
N THR A 62 6.30 8.22 6.88
CA THR A 62 5.42 9.07 7.66
C THR A 62 4.01 9.02 7.07
N VAL A 63 3.02 8.77 7.92
CA VAL A 63 1.65 8.68 7.43
C VAL A 63 1.17 10.07 7.00
N ILE A 64 0.63 10.17 5.78
CA ILE A 64 0.07 11.43 5.30
C ILE A 64 -1.43 11.39 5.06
N ASN A 65 -2.05 10.20 5.07
CA ASN A 65 -3.50 10.08 4.96
C ASN A 65 -3.92 8.88 5.79
N ALA A 66 -5.10 8.99 6.40
CA ALA A 66 -5.70 7.89 7.14
C ALA A 66 -7.13 8.31 7.39
N GLY A 67 -8.08 7.72 6.66
CA GLY A 67 -9.46 8.13 6.79
C GLY A 67 -10.30 7.63 5.65
N PRO A 68 -11.55 8.10 5.60
CA PRO A 68 -12.44 7.68 4.52
C PRO A 68 -12.00 8.29 3.20
N ALA A 69 -12.29 7.54 2.15
CA ALA A 69 -11.98 7.98 0.80
C ALA A 69 -13.02 7.34 -0.11
N GLN A 70 -13.66 8.16 -0.93
CA GLN A 70 -14.67 7.63 -1.84
C GLN A 70 -14.06 6.59 -2.76
N GLY A 71 -14.80 5.55 -3.02
CA GLY A 71 -14.17 4.60 -3.91
C GLY A 71 -13.26 3.62 -3.23
N PHE A 72 -12.38 4.04 -2.30
CA PHE A 72 -11.60 3.08 -1.53
C PHE A 72 -12.29 2.64 -0.25
N GLY A 73 -13.36 3.34 0.17
CA GLY A 73 -13.93 3.10 1.48
C GLY A 73 -13.12 3.83 2.53
N LYS A 74 -12.02 3.23 2.93
CA LYS A 74 -11.02 3.86 3.78
C LYS A 74 -9.64 3.60 3.19
N TRP A 75 -8.70 4.48 3.50
CA TRP A 75 -7.34 4.29 3.01
C TRP A 75 -6.33 4.85 4.00
N VAL A 76 -5.07 4.46 3.77
CA VAL A 76 -3.90 5.06 4.38
C VAL A 76 -2.92 5.37 3.26
N ARG A 77 -2.19 6.48 3.38
CA ARG A 77 -1.02 6.71 2.53
C ARG A 77 0.18 7.00 3.40
N VAL A 78 1.33 6.48 2.99
CA VAL A 78 2.59 6.67 3.69
C VAL A 78 3.57 7.31 2.74
N ARG A 79 4.23 8.36 3.19
CA ARG A 79 5.28 9.01 2.41
C ARG A 79 6.65 8.52 2.92
N HIS A 80 7.43 7.95 2.04
CA HIS A 80 8.76 7.44 2.37
C HIS A 80 9.79 8.53 2.12
N ASP A 81 10.96 8.38 2.76
CA ASP A 81 11.92 9.48 2.76
C ASP A 81 12.50 9.78 1.38
N ASP A 82 12.46 8.81 0.44
CA ASP A 82 12.90 9.11 -0.92
C ASP A 82 11.82 9.80 -1.74
N GLY A 83 10.67 10.13 -1.14
CA GLY A 83 9.58 10.79 -1.83
C GLY A 83 8.54 9.87 -2.39
N THR A 84 8.76 8.56 -2.40
CA THR A 84 7.74 7.63 -2.88
C THR A 84 6.58 7.63 -1.90
N ILE A 85 5.36 7.61 -2.43
CA ILE A 85 4.17 7.45 -1.61
C ILE A 85 3.61 6.06 -1.89
N THR A 86 3.27 5.32 -0.82
CA THR A 86 2.53 4.08 -1.00
C THR A 86 1.11 4.23 -0.48
N VAL A 87 0.19 3.51 -1.13
CA VAL A 87 -1.25 3.67 -0.93
C VAL A 87 -1.84 2.34 -0.51
N TYR A 88 -2.70 2.37 0.52
CA TYR A 88 -3.30 1.17 1.11
C TYR A 88 -4.80 1.42 1.13
N GLY A 89 -5.52 0.84 0.16
CA GLY A 89 -6.94 1.11 -0.01
C GLY A 89 -7.84 -0.04 0.38
N HIS A 90 -9.11 0.29 0.62
CA HIS A 90 -10.13 -0.67 1.01
C HIS A 90 -9.89 -1.25 2.40
N VAL A 91 -9.20 -0.50 3.27
CA VAL A 91 -8.93 -1.02 4.61
C VAL A 91 -10.21 -1.01 5.44
N HIS A 92 -10.34 -2.03 6.30
CA HIS A 92 -11.46 -2.15 7.22
C HIS A 92 -11.35 -1.12 8.34
N SER A 93 -10.13 -0.83 8.79
CA SER A 93 -9.84 0.09 9.87
C SER A 93 -8.37 0.44 9.73
N PHE A 94 -7.95 1.49 10.40
CA PHE A 94 -6.53 1.84 10.46
C PHE A 94 -6.19 2.23 11.89
N ASN A 95 -4.93 2.02 12.26
CA ASN A 95 -4.47 2.26 13.63
C ASN A 95 -3.42 3.34 13.70
N VAL A 96 -3.26 4.13 12.64
CA VAL A 96 -2.28 5.20 12.56
C VAL A 96 -2.99 6.54 12.47
N SER A 97 -2.22 7.60 12.73
CA SER A 97 -2.67 8.99 12.61
C SER A 97 -1.78 9.71 11.61
N VAL A 98 -2.33 10.74 10.97
CA VAL A 98 -1.52 11.54 10.05
C VAL A 98 -0.36 12.18 10.82
N GLY A 99 0.86 12.07 10.27
CA GLY A 99 2.07 12.55 10.92
C GLY A 99 2.83 11.48 11.66
N GLN A 100 2.24 10.31 11.86
CA GLN A 100 2.89 9.26 12.63
C GLN A 100 4.01 8.63 11.81
N ARG A 101 5.16 8.41 12.45
CA ARG A 101 6.28 7.71 11.86
C ARG A 101 6.08 6.21 12.06
N VAL A 102 6.25 5.44 10.98
CA VAL A 102 6.10 4.00 11.01
C VAL A 102 7.35 3.33 10.46
N THR A 103 7.57 2.09 10.91
CA THR A 103 8.71 1.26 10.55
C THR A 103 8.27 0.25 9.50
N ALA A 104 9.19 -0.12 8.59
CA ALA A 104 8.89 -1.18 7.62
C ALA A 104 8.30 -2.40 8.31
N GLY A 105 7.16 -2.86 7.82
CA GLY A 105 6.51 -4.04 8.33
C GLY A 105 5.56 -3.81 9.49
N GLU A 106 5.61 -2.64 10.12
CA GLU A 106 4.69 -2.30 11.21
C GLU A 106 3.25 -2.30 10.70
N GLN A 107 2.33 -2.81 11.54
CA GLN A 107 0.92 -2.84 11.15
C GLN A 107 0.32 -1.44 11.21
N ILE A 108 -0.31 -1.03 10.11
CA ILE A 108 -0.94 0.28 9.98
C ILE A 108 -2.45 0.18 9.76
N ALA A 109 -2.98 -0.98 9.44
CA ALA A 109 -4.40 -1.10 9.10
C ALA A 109 -4.80 -2.57 9.12
N GLU A 110 -6.09 -2.82 8.89
CA GLU A 110 -6.64 -4.15 8.70
C GLU A 110 -7.33 -4.20 7.34
N MET A 111 -7.24 -5.36 6.67
CA MET A 111 -7.81 -5.54 5.34
C MET A 111 -9.34 -5.45 5.35
N GLY A 112 -9.90 -4.76 4.34
CA GLY A 112 -11.34 -4.63 4.20
C GLY A 112 -11.81 -5.08 2.82
N ASN A 113 -12.73 -4.30 2.25
CA ASN A 113 -13.51 -4.64 1.06
C ASN A 113 -14.56 -5.69 1.37
N GLU A 114 -15.44 -5.32 2.27
CA GLU A 114 -16.47 -6.19 2.80
C GLU A 114 -17.75 -6.02 1.99
N GLY A 115 -18.54 -7.10 1.90
CA GLY A 115 -19.91 -6.95 1.43
C GLY A 115 -20.12 -6.74 -0.04
N GLN A 116 -19.14 -7.08 -0.89
CA GLN A 116 -19.22 -6.83 -2.33
C GLN A 116 -18.99 -8.12 -3.11
N SER A 117 -19.23 -8.05 -4.42
CA SER A 117 -18.99 -9.25 -5.23
C SER A 117 -17.50 -9.58 -5.34
N THR A 118 -16.63 -8.57 -5.29
CA THR A 118 -15.20 -8.80 -5.14
C THR A 118 -14.89 -9.03 -3.67
N GLY A 119 -14.16 -10.10 -3.37
CA GLY A 119 -13.91 -10.46 -1.98
C GLY A 119 -12.95 -9.49 -1.28
N PRO A 120 -12.82 -9.66 0.04
CA PRO A 120 -11.95 -8.79 0.83
C PRO A 120 -10.52 -8.79 0.29
N HIS A 121 -9.91 -7.59 0.24
CA HIS A 121 -8.56 -7.49 -0.29
C HIS A 121 -8.00 -6.13 0.06
N LEU A 122 -6.67 -6.03 -0.04
CA LEU A 122 -5.96 -4.76 -0.04
C LEU A 122 -5.74 -4.33 -1.49
N HIS A 123 -6.00 -3.04 -1.75
CA HIS A 123 -5.55 -2.38 -2.98
C HIS A 123 -4.30 -1.60 -2.64
N PHE A 124 -3.20 -1.89 -3.35
CA PHE A 124 -1.89 -1.30 -3.03
C PHE A 124 -1.34 -0.58 -4.26
N GLU A 125 -0.88 0.66 -4.04
CA GLU A 125 -0.26 1.44 -5.11
C GLU A 125 1.11 1.93 -4.68
N VAL A 126 1.96 2.17 -5.68
CA VAL A 126 3.30 2.75 -5.49
C VAL A 126 3.41 3.97 -6.39
N ARG A 127 3.79 5.10 -5.81
CA ARG A 127 3.86 6.39 -6.54
C ARG A 127 5.22 7.05 -6.29
N PRO A 128 6.21 6.75 -7.13
CA PRO A 128 7.52 7.44 -7.00
C PRO A 128 7.32 8.94 -7.07
N GLY A 129 8.01 9.65 -6.20
CA GLY A 129 7.90 11.10 -6.15
C GLY A 129 6.52 11.60 -5.79
N GLY A 130 5.66 10.73 -5.27
CA GLY A 130 4.28 11.11 -5.03
C GLY A 130 3.44 11.29 -6.27
N GLY A 131 3.95 10.92 -7.45
CA GLY A 131 3.28 11.19 -8.69
C GLY A 131 2.48 10.02 -9.21
N ASP A 132 2.68 9.71 -10.48
CA ASP A 132 1.90 8.67 -11.16
C ASP A 132 2.22 7.28 -10.60
N ALA A 133 1.20 6.44 -10.53
CA ALA A 133 1.38 5.07 -10.07
C ALA A 133 2.20 4.25 -11.07
N ILE A 134 2.90 3.25 -10.53
CA ILE A 134 3.68 2.29 -11.31
C ILE A 134 3.27 0.89 -10.91
N ASP A 135 3.70 -0.10 -11.70
CA ASP A 135 3.42 -1.51 -11.37
C ASP A 135 4.08 -1.84 -10.03
N PRO A 136 3.32 -2.19 -9.00
CA PRO A 136 3.96 -2.51 -7.70
C PRO A 136 4.77 -3.77 -7.68
N VAL A 137 4.56 -4.72 -8.59
CA VAL A 137 5.17 -6.04 -8.42
C VAL A 137 6.68 -5.97 -8.54
N PRO A 138 7.26 -5.37 -9.59
CA PRO A 138 8.72 -5.24 -9.61
C PRO A 138 9.24 -4.36 -8.50
N TRP A 139 8.47 -3.33 -8.13
CA TRP A 139 8.90 -2.45 -7.06
C TRP A 139 9.05 -3.22 -5.74
N LEU A 140 8.17 -4.20 -5.48
CA LEU A 140 8.26 -5.02 -4.28
C LEU A 140 9.24 -6.18 -4.41
N LYS A 141 9.30 -6.82 -5.57
CA LYS A 141 9.92 -8.13 -5.69
C LYS A 141 11.22 -8.12 -6.46
N GLU A 142 11.61 -6.99 -7.04
CA GLU A 142 12.78 -6.91 -7.90
C GLU A 142 13.68 -5.74 -7.46
N ARG A 143 14.08 -5.75 -6.17
CA ARG A 143 14.93 -4.71 -5.60
C ARG A 143 16.36 -5.24 -5.33
N GLY A 144 17.22 -4.33 -4.91
CA GLY A 144 18.54 -4.72 -4.48
C GLY A 144 19.42 -5.27 -5.59
#